data_6C9W
#
_entry.id   6C9W
#
_cell.length_a   153.550
_cell.length_b   153.550
_cell.length_c   193.680
_cell.angle_alpha   90.000
_cell.angle_beta   90.000
_cell.angle_gamma   120.000
#
_symmetry.space_group_name_H-M   'P 65 2 2'
#
loop_
_entity.id
_entity.type
_entity.pdbx_description
1 polymer 'Lactose permease'
2 polymer Nanobody9047
3 non-polymer '4-nitrophenyl alpha-D-galactopyranoside'
4 non-polymer 'nonyl beta-D-glucopyranoside'
#
loop_
_entity_poly.entity_id
_entity_poly.type
_entity_poly.pdbx_seq_one_letter_code
_entity_poly.pdbx_strand_id
1 'polypeptide(L)'
;MYYLKNTNFWMFGLFFFFYFFIMGAYFPFFPIWLHDINHISKSDTWIIFAAISLFSLLFQPLFGLLSDKLGLRKYLLWII
TGMLVMFAPFFIFIFGPLLQYNILVGSIVGGIYLGFCFNAGAPAVEAFIEKVSRRSNFEFGRARMFGCVGWALCASIVGI
MFTINNQFVFWLGSGCALILAVLLFFAKTDAPSSATVANAVGANHSAFSLKLALELFRQPKLWFLSLYVIGVSCTYDVFD
QQFANFFTSFFATGEQGTRVFWYVTTMGELLNASIMFFAPLIINRIGGKNALLLAGTIMSVRIIGSSFATSALEVVILKT
LHMFEVPFLLVGCFKYITSQFEVRFSATIYLVCFCFFKQLAMIFMSVLAGNMYESIGFQGAYLVLGLVALGFTLISVFTL
SGPGPLSLLRRQVNEVA
;
A
2 'polypeptide(L)'
;VQLVESGGGLVQAGDSLRLSCAASGGTFSTFNMGWFRQDLGKEREFVAAIRWTGGRAYYGDSVKGRFTISRDNAKNTVYL
QMNSLKPEDTAVYYCARQGTNGGGYSEATSYNYWGQGTQVTVSSH
;
B
#
loop_
_chem_comp.id
_chem_comp.type
_chem_comp.name
_chem_comp.formula
9PG D-saccharide '4-nitrophenyl alpha-D-galactopyranoside' 'C12 H15 N O8'
BNG D-saccharide 'nonyl beta-D-glucopyranoside' 'C15 H30 O6'
#
# COMPACT_ATOMS: atom_id res chain seq x y z
N TYR A 3 6.70 -28.37 -3.64
CA TYR A 3 7.00 -29.79 -3.52
C TYR A 3 5.74 -30.56 -3.11
N LEU A 4 5.74 -31.87 -3.41
CA LEU A 4 4.55 -32.70 -3.21
C LEU A 4 4.35 -33.03 -1.73
N LYS A 5 3.65 -34.13 -1.44
CA LYS A 5 3.27 -34.47 -0.08
C LYS A 5 4.50 -34.74 0.79
N ASN A 6 4.76 -33.83 1.73
CA ASN A 6 5.88 -33.94 2.66
C ASN A 6 5.44 -33.28 3.95
N THR A 7 5.32 -34.06 5.01
CA THR A 7 4.65 -33.60 6.23
C THR A 7 5.11 -32.21 6.64
N ASN A 8 6.43 -31.99 6.67
CA ASN A 8 6.96 -30.72 7.17
C ASN A 8 6.55 -29.56 6.29
N PHE A 9 6.21 -29.80 5.03
CA PHE A 9 5.82 -28.71 4.14
C PHE A 9 4.41 -28.23 4.45
N TRP A 10 3.47 -29.15 4.59
CA TRP A 10 2.10 -28.78 4.92
C TRP A 10 2.03 -28.08 6.27
N MET A 11 2.97 -28.36 7.17
CA MET A 11 2.99 -27.71 8.47
C MET A 11 3.25 -26.21 8.33
N PHE A 12 4.28 -25.84 7.58
CA PHE A 12 4.65 -24.45 7.42
C PHE A 12 3.91 -23.76 6.29
N GLY A 13 3.41 -24.50 5.31
CA GLY A 13 2.52 -23.91 4.31
C GLY A 13 1.25 -23.40 4.95
N LEU A 14 0.64 -24.21 5.81
CA LEU A 14 -0.51 -23.76 6.59
C LEU A 14 -0.13 -22.68 7.59
N PHE A 15 1.14 -22.63 8.00
CA PHE A 15 1.58 -21.56 8.90
C PHE A 15 1.50 -20.21 8.21
N PHE A 16 2.00 -20.13 6.98
CA PHE A 16 1.88 -18.88 6.22
C PHE A 16 0.42 -18.52 5.98
N PHE A 17 -0.40 -19.51 5.60
CA PHE A 17 -1.82 -19.24 5.38
C PHE A 17 -2.46 -18.61 6.61
N PHE A 18 -2.30 -19.24 7.77
CA PHE A 18 -2.96 -18.77 8.98
C PHE A 18 -2.25 -17.58 9.62
N TYR A 19 -0.97 -17.38 9.35
CA TYR A 19 -0.29 -16.20 9.86
C TYR A 19 -0.74 -14.95 9.11
N PHE A 20 -0.56 -14.94 7.79
CA PHE A 20 -1.00 -13.81 6.99
C PHE A 20 -2.51 -13.68 6.95
N PHE A 21 -3.25 -14.69 7.41
CA PHE A 21 -4.66 -14.48 7.70
C PHE A 21 -4.83 -13.56 8.90
N ILE A 22 -3.90 -13.60 9.85
CA ILE A 22 -3.90 -12.61 10.94
C ILE A 22 -3.69 -11.22 10.34
N MET A 23 -2.65 -11.09 9.52
CA MET A 23 -2.23 -9.77 9.04
C MET A 23 -3.24 -9.20 8.05
N GLY A 24 -3.82 -10.05 7.21
CA GLY A 24 -4.83 -9.59 6.27
C GLY A 24 -6.04 -8.94 6.91
N ALA A 25 -6.23 -9.17 8.22
CA ALA A 25 -7.36 -8.59 8.92
C ALA A 25 -7.11 -7.16 9.36
N TYR A 26 -5.84 -6.72 9.39
CA TYR A 26 -5.55 -5.39 9.88
C TYR A 26 -4.75 -4.58 8.86
N PHE A 27 -3.69 -5.18 8.29
CA PHE A 27 -2.74 -4.38 7.52
C PHE A 27 -3.37 -3.83 6.25
N PRO A 28 -3.85 -4.64 5.31
CA PRO A 28 -4.63 -4.07 4.20
C PRO A 28 -5.99 -3.61 4.72
N PHE A 29 -6.36 -2.38 4.37
CA PHE A 29 -7.53 -1.71 4.92
C PHE A 29 -7.30 -1.25 6.35
N PHE A 30 -6.03 -1.09 6.75
CA PHE A 30 -5.75 -0.54 8.08
C PHE A 30 -6.29 0.87 8.22
N PRO A 31 -6.00 1.81 7.31
CA PRO A 31 -6.54 3.18 7.49
C PRO A 31 -8.03 3.23 7.74
N ILE A 32 -8.80 2.35 7.09
CA ILE A 32 -10.25 2.34 7.28
C ILE A 32 -10.62 1.94 8.70
N TRP A 33 -9.70 1.31 9.42
CA TRP A 33 -9.96 0.97 10.82
C TRP A 33 -9.90 2.21 11.71
N LEU A 34 -8.94 3.10 11.44
CA LEU A 34 -8.72 4.27 12.30
C LEU A 34 -9.67 5.40 11.99
N HIS A 35 -10.22 5.46 10.78
CA HIS A 35 -11.03 6.58 10.33
C HIS A 35 -12.53 6.33 10.47
N ASP A 36 -13.05 5.33 9.75
CA ASP A 36 -14.49 5.13 9.70
C ASP A 36 -15.07 4.55 10.99
N ILE A 37 -14.24 3.95 11.84
CA ILE A 37 -14.72 3.27 13.04
C ILE A 37 -14.22 3.96 14.31
N ASN A 38 -12.95 4.34 14.34
CA ASN A 38 -12.35 4.92 15.54
C ASN A 38 -12.24 6.44 15.49
N HIS A 39 -12.48 7.05 14.32
CA HIS A 39 -12.64 8.49 14.23
C HIS A 39 -11.35 9.24 14.53
N ILE A 40 -10.23 8.72 14.03
CA ILE A 40 -8.97 9.45 14.02
C ILE A 40 -8.94 10.27 12.73
N SER A 41 -8.39 11.47 12.81
CA SER A 41 -8.39 12.34 11.64
C SER A 41 -7.46 11.79 10.56
N LYS A 42 -7.83 12.03 9.31
CA LYS A 42 -7.02 11.55 8.18
C LYS A 42 -5.61 12.14 8.21
N SER A 43 -5.39 13.20 8.98
CA SER A 43 -4.05 13.78 9.13
C SER A 43 -3.33 13.30 10.39
N ASP A 44 -4.04 12.73 11.35
CA ASP A 44 -3.43 12.28 12.60
C ASP A 44 -2.71 10.95 12.45
N THR A 45 -3.08 10.11 11.48
CA THR A 45 -2.59 8.74 11.41
C THR A 45 -1.06 8.66 11.35
N TRP A 46 -0.38 9.76 11.02
CA TRP A 46 1.08 9.70 10.90
C TRP A 46 1.73 9.35 12.23
N ILE A 47 1.14 9.79 13.35
CA ILE A 47 1.76 9.50 14.65
C ILE A 47 1.70 8.02 14.96
N ILE A 48 0.65 7.33 14.49
CA ILE A 48 0.53 5.90 14.76
C ILE A 48 1.52 5.12 13.91
N PHE A 49 1.56 5.39 12.60
CA PHE A 49 2.55 4.76 11.73
C PHE A 49 3.97 5.04 12.21
N ALA A 50 4.20 6.22 12.78
CA ALA A 50 5.53 6.55 13.28
C ALA A 50 5.95 5.60 14.39
N ALA A 51 5.10 5.42 15.39
CA ALA A 51 5.42 4.51 16.48
C ALA A 51 5.65 3.09 15.98
N ILE A 52 4.72 2.60 15.14
CA ILE A 52 4.88 1.28 14.53
C ILE A 52 6.20 1.22 13.77
N SER A 53 6.56 2.30 13.09
CA SER A 53 7.82 2.34 12.37
C SER A 53 9.00 2.38 13.34
N LEU A 54 8.88 3.16 14.41
CA LEU A 54 9.98 3.30 15.36
C LEU A 54 10.36 1.97 15.98
N PHE A 55 9.37 1.22 16.47
CA PHE A 55 9.65 -0.03 17.15
C PHE A 55 9.96 -1.17 16.19
N SER A 56 9.49 -1.11 14.96
CA SER A 56 9.93 -2.08 13.95
C SER A 56 11.39 -1.83 13.58
N LEU A 57 11.79 -0.56 13.49
CA LEU A 57 13.21 -0.24 13.40
C LEU A 57 14.01 -0.98 14.46
N LEU A 58 13.45 -1.10 15.66
CA LEU A 58 14.16 -1.70 16.78
C LEU A 58 14.15 -3.22 16.71
N PHE A 59 12.97 -3.81 16.47
CA PHE A 59 12.83 -5.27 16.52
C PHE A 59 13.43 -5.96 15.31
N GLN A 60 13.44 -5.30 14.15
CA GLN A 60 13.94 -5.95 12.94
C GLN A 60 15.39 -6.40 13.08
N PRO A 61 16.34 -5.53 13.45
CA PRO A 61 17.71 -6.04 13.66
C PRO A 61 17.80 -7.06 14.76
N LEU A 62 17.00 -6.91 15.83
CA LEU A 62 16.91 -7.95 16.85
C LEU A 62 16.50 -9.27 16.22
N PHE A 63 15.30 -9.32 15.62
CA PHE A 63 14.78 -10.57 15.09
C PHE A 63 15.77 -11.21 14.12
N GLY A 64 16.39 -10.40 13.26
CA GLY A 64 17.35 -10.93 12.30
C GLY A 64 18.52 -11.63 12.97
N LEU A 65 19.23 -10.90 13.83
CA LEU A 65 20.38 -11.48 14.52
C LEU A 65 19.96 -12.68 15.36
N LEU A 66 18.86 -12.55 16.11
CA LEU A 66 18.39 -13.67 16.92
C LEU A 66 18.05 -14.87 16.05
N SER A 67 17.08 -14.70 15.14
CA SER A 67 16.62 -15.81 14.31
C SER A 67 17.77 -16.58 13.69
N ASP A 68 18.90 -15.92 13.43
CA ASP A 68 20.06 -16.61 12.86
C ASP A 68 20.87 -17.31 13.94
N LYS A 69 21.00 -16.69 15.12
CA LYS A 69 21.76 -17.31 16.21
C LYS A 69 21.24 -18.69 16.53
N LEU A 70 19.92 -18.81 16.72
CA LEU A 70 19.29 -20.08 17.09
C LEU A 70 18.71 -20.80 15.88
N GLY A 71 19.42 -20.76 14.75
CA GLY A 71 19.06 -21.47 13.53
C GLY A 71 17.60 -21.82 13.37
N LEU A 72 17.26 -23.07 13.61
CA LEU A 72 15.90 -23.58 13.48
C LEU A 72 15.36 -24.04 14.84
N ARG A 73 15.69 -23.31 15.90
CA ARG A 73 15.38 -23.77 17.24
C ARG A 73 13.89 -23.62 17.57
N LYS A 74 13.21 -22.64 16.97
CA LYS A 74 11.79 -22.33 17.13
C LYS A 74 11.52 -21.39 18.30
N TYR A 75 12.53 -20.96 19.05
CA TYR A 75 12.28 -20.12 20.22
C TYR A 75 11.61 -18.81 19.83
N LEU A 76 12.08 -18.19 18.73
CA LEU A 76 11.55 -16.89 18.34
C LEU A 76 10.09 -16.97 17.93
N LEU A 77 9.74 -17.95 17.08
CA LEU A 77 8.39 -18.05 16.55
C LEU A 77 7.37 -18.39 17.62
N TRP A 78 7.79 -19.00 18.74
CA TRP A 78 6.83 -19.31 19.79
C TRP A 78 6.38 -18.05 20.51
N ILE A 79 7.27 -17.09 20.70
CA ILE A 79 6.88 -15.82 21.29
C ILE A 79 5.91 -15.09 20.37
N ILE A 80 6.30 -14.93 19.10
CA ILE A 80 5.40 -14.31 18.11
C ILE A 80 4.05 -15.01 18.12
N THR A 81 4.06 -16.33 17.89
CA THR A 81 2.81 -17.08 17.92
C THR A 81 2.08 -16.91 19.24
N GLY A 82 2.82 -16.59 20.32
CA GLY A 82 2.17 -16.29 21.58
C GLY A 82 1.51 -14.92 21.58
N MET A 83 2.24 -13.91 21.10
CA MET A 83 1.67 -12.57 21.05
C MET A 83 0.53 -12.47 20.06
N LEU A 84 0.52 -13.33 19.04
CA LEU A 84 -0.57 -13.33 18.07
C LEU A 84 -1.89 -13.75 18.71
N VAL A 85 -1.84 -14.53 19.79
CA VAL A 85 -3.06 -14.88 20.51
C VAL A 85 -3.73 -13.62 21.05
N MET A 86 -2.94 -12.58 21.30
CA MET A 86 -3.45 -11.30 21.78
C MET A 86 -4.11 -10.47 20.70
N PHE A 87 -4.18 -10.98 19.46
CA PHE A 87 -4.69 -10.18 18.35
C PHE A 87 -6.06 -9.59 18.66
N ALA A 88 -7.01 -10.45 19.04
CA ALA A 88 -8.37 -9.99 19.28
C ALA A 88 -8.45 -8.99 20.42
N PRO A 89 -8.05 -9.32 21.66
CA PRO A 89 -8.21 -8.36 22.76
C PRO A 89 -7.43 -7.07 22.54
N PHE A 90 -6.37 -7.09 21.73
CA PHE A 90 -5.58 -5.90 21.49
C PHE A 90 -6.38 -4.86 20.72
N PHE A 91 -6.89 -5.22 19.54
CA PHE A 91 -7.62 -4.27 18.71
C PHE A 91 -8.96 -3.89 19.34
N ILE A 92 -9.66 -4.85 19.93
CA ILE A 92 -11.03 -4.63 20.35
C ILE A 92 -11.08 -3.81 21.65
N PHE A 93 -10.36 -4.25 22.68
CA PHE A 93 -10.51 -3.69 24.02
C PHE A 93 -9.34 -2.83 24.48
N ILE A 94 -8.20 -2.88 23.80
CA ILE A 94 -7.01 -2.16 24.23
C ILE A 94 -6.67 -1.06 23.24
N PHE A 95 -6.17 -1.45 22.06
CA PHE A 95 -5.68 -0.48 21.09
C PHE A 95 -6.77 0.50 20.70
N GLY A 96 -7.97 0.00 20.40
CA GLY A 96 -9.07 0.84 20.01
C GLY A 96 -9.35 1.94 21.02
N PRO A 97 -9.81 1.55 22.21
CA PRO A 97 -10.18 2.57 23.21
C PRO A 97 -9.01 3.41 23.70
N LEU A 98 -7.77 2.91 23.61
CA LEU A 98 -6.62 3.74 23.96
C LEU A 98 -6.37 4.85 22.95
N LEU A 99 -6.95 4.74 21.75
CA LEU A 99 -6.87 5.82 20.78
C LEU A 99 -8.01 6.81 20.90
N GLN A 100 -9.16 6.38 21.45
CA GLN A 100 -10.16 7.35 21.87
C GLN A 100 -9.66 8.18 23.05
N TYR A 101 -8.85 7.57 23.91
CA TYR A 101 -8.17 8.30 24.97
C TYR A 101 -7.02 9.09 24.37
N ASN A 102 -5.96 9.33 25.13
CA ASN A 102 -4.78 10.01 24.59
C ASN A 102 -4.26 9.27 23.37
N ILE A 103 -4.13 10.00 22.26
CA ILE A 103 -3.75 9.38 21.00
C ILE A 103 -2.31 8.88 21.07
N LEU A 104 -1.44 9.62 21.75
CA LEU A 104 -0.01 9.29 21.75
C LEU A 104 0.22 7.93 22.38
N VAL A 105 -0.19 7.76 23.64
CA VAL A 105 0.07 6.50 24.35
C VAL A 105 -0.55 5.32 23.61
N GLY A 106 -1.77 5.50 23.09
CA GLY A 106 -2.42 4.41 22.38
C GLY A 106 -1.62 3.94 21.19
N SER A 107 -0.83 4.83 20.59
CA SER A 107 0.00 4.44 19.45
C SER A 107 1.32 3.81 19.88
N ILE A 108 1.77 4.06 21.10
CA ILE A 108 2.95 3.37 21.62
C ILE A 108 2.67 1.88 21.76
N VAL A 109 1.58 1.54 22.44
CA VAL A 109 1.26 0.13 22.66
C VAL A 109 1.01 -0.55 21.32
N GLY A 110 0.45 0.17 20.35
CA GLY A 110 0.36 -0.34 19.00
C GLY A 110 1.69 -0.33 18.29
N GLY A 111 2.53 0.67 18.57
CA GLY A 111 3.85 0.69 17.98
C GLY A 111 4.66 -0.54 18.36
N ILE A 112 4.63 -0.90 19.65
CA ILE A 112 5.41 -2.04 20.12
C ILE A 112 4.76 -3.35 19.71
N TYR A 113 3.44 -3.43 19.79
CA TYR A 113 2.75 -4.69 19.52
C TYR A 113 2.84 -5.06 18.04
N LEU A 114 2.38 -4.17 17.17
CA LEU A 114 2.34 -4.49 15.74
C LEU A 114 3.73 -4.46 15.12
N GLY A 115 4.59 -3.53 15.57
CA GLY A 115 5.97 -3.56 15.13
C GLY A 115 6.64 -4.89 15.44
N PHE A 116 6.25 -5.52 16.55
CA PHE A 116 6.82 -6.79 16.96
C PHE A 116 6.21 -7.95 16.18
N CYS A 117 4.88 -8.05 16.19
CA CYS A 117 4.21 -9.22 15.63
C CYS A 117 4.26 -9.25 14.11
N PHE A 118 4.26 -8.07 13.46
CA PHE A 118 4.04 -7.99 12.02
C PHE A 118 5.20 -7.31 11.30
N ASN A 119 5.41 -6.01 11.49
CA ASN A 119 6.44 -5.31 10.74
C ASN A 119 7.79 -6.00 10.87
N ALA A 120 8.11 -6.51 12.07
CA ALA A 120 9.32 -7.28 12.29
C ALA A 120 9.06 -8.78 12.38
N GLY A 121 7.87 -9.17 12.85
CA GLY A 121 7.57 -10.59 13.00
C GLY A 121 7.40 -11.30 11.66
N ALA A 122 6.70 -10.66 10.72
CA ALA A 122 6.44 -11.29 9.43
C ALA A 122 7.73 -11.70 8.72
N PRO A 123 8.69 -10.81 8.49
CA PRO A 123 9.93 -11.26 7.82
C PRO A 123 10.71 -12.27 8.63
N ALA A 124 10.60 -12.25 9.97
CA ALA A 124 11.25 -13.27 10.78
C ALA A 124 10.64 -14.65 10.53
N VAL A 125 9.32 -14.70 10.33
CA VAL A 125 8.68 -15.96 9.96
C VAL A 125 9.11 -16.38 8.56
N GLU A 126 9.25 -15.42 7.64
CA GLU A 126 9.69 -15.73 6.29
C GLU A 126 11.11 -16.27 6.30
N ALA A 127 12.02 -15.64 7.04
CA ALA A 127 13.39 -16.10 7.09
C ALA A 127 13.51 -17.47 7.72
N PHE A 128 12.67 -17.76 8.72
CA PHE A 128 12.73 -19.06 9.40
C PHE A 128 12.27 -20.17 8.46
N ILE A 129 11.12 -20.00 7.83
CA ILE A 129 10.60 -21.03 6.93
C ILE A 129 11.47 -21.18 5.69
N GLU A 130 12.29 -20.17 5.38
CA GLU A 130 13.26 -20.31 4.30
C GLU A 130 14.46 -21.16 4.74
N LYS A 131 14.76 -21.18 6.04
CA LYS A 131 15.74 -22.13 6.55
C LYS A 131 15.21 -23.54 6.49
N VAL A 132 13.92 -23.73 6.75
CA VAL A 132 13.29 -25.03 6.57
C VAL A 132 13.22 -25.38 5.08
N SER A 133 13.21 -24.36 4.22
CA SER A 133 13.11 -24.60 2.79
C SER A 133 14.26 -25.48 2.30
N ARG A 134 15.48 -25.14 2.67
CA ARG A 134 16.66 -25.83 2.15
C ARG A 134 16.97 -27.13 2.89
N ARG A 135 16.35 -27.37 4.04
CA ARG A 135 16.62 -28.58 4.79
C ARG A 135 15.70 -29.73 4.40
N SER A 136 14.39 -29.48 4.40
CA SER A 136 13.41 -30.53 4.11
C SER A 136 13.09 -30.66 2.62
N ASN A 137 13.89 -30.03 1.76
CA ASN A 137 13.81 -30.30 0.33
C ASN A 137 12.50 -29.83 -0.28
N PHE A 138 12.32 -28.51 -0.38
CA PHE A 138 11.20 -27.94 -1.11
C PHE A 138 11.48 -26.47 -1.38
N GLU A 139 10.63 -25.87 -2.20
CA GLU A 139 10.80 -24.49 -2.64
C GLU A 139 10.05 -23.54 -1.71
N PHE A 140 10.70 -22.43 -1.37
CA PHE A 140 10.08 -21.44 -0.49
C PHE A 140 8.84 -20.84 -1.12
N GLY A 141 8.88 -20.58 -2.42
CA GLY A 141 7.73 -19.99 -3.10
C GLY A 141 6.48 -20.83 -2.96
N ARG A 142 6.62 -22.15 -3.08
CA ARG A 142 5.47 -23.05 -2.93
C ARG A 142 4.90 -23.01 -1.52
N ALA A 143 5.67 -22.53 -0.54
CA ALA A 143 5.16 -22.37 0.81
C ALA A 143 4.44 -21.04 0.97
N ARG A 144 5.07 -19.95 0.53
CA ARG A 144 4.56 -18.61 0.82
C ARG A 144 3.31 -18.29 0.02
N MET A 145 3.07 -18.97 -1.11
CA MET A 145 1.82 -18.79 -1.83
C MET A 145 0.62 -19.03 -0.92
N PHE A 146 0.78 -19.87 0.10
CA PHE A 146 -0.28 -20.05 1.09
C PHE A 146 -0.64 -18.72 1.73
N GLY A 147 0.34 -17.88 2.03
CA GLY A 147 0.06 -16.58 2.63
C GLY A 147 -0.81 -15.71 1.75
N CYS A 148 -0.56 -15.73 0.44
CA CYS A 148 -1.36 -14.93 -0.48
C CYS A 148 -2.83 -15.37 -0.46
N VAL A 149 -3.09 -16.65 -0.19
CA VAL A 149 -4.47 -17.14 -0.17
C VAL A 149 -5.16 -16.74 1.13
N GLY A 150 -4.47 -16.88 2.26
CA GLY A 150 -5.04 -16.43 3.52
C GLY A 150 -5.23 -14.93 3.56
N TRP A 151 -4.18 -14.19 3.17
CA TRP A 151 -4.29 -12.75 2.96
C TRP A 151 -5.56 -12.42 2.16
N ALA A 152 -5.77 -13.12 1.06
CA ALA A 152 -6.95 -12.88 0.24
C ALA A 152 -8.22 -13.29 0.97
N LEU A 153 -8.27 -14.53 1.44
CA LEU A 153 -9.48 -15.01 2.10
C LEU A 153 -9.86 -14.12 3.27
N CYS A 154 -8.87 -13.68 4.05
CA CYS A 154 -9.17 -12.75 5.15
C CYS A 154 -9.74 -11.45 4.61
N ALA A 155 -9.18 -10.94 3.52
CA ALA A 155 -9.75 -9.76 2.88
C ALA A 155 -11.18 -10.03 2.45
N SER A 156 -11.44 -11.22 1.90
CA SER A 156 -12.80 -11.59 1.53
C SER A 156 -13.72 -11.58 2.74
N ILE A 157 -13.20 -11.93 3.92
CA ILE A 157 -14.04 -12.05 5.10
C ILE A 157 -14.25 -10.71 5.77
N VAL A 158 -13.24 -9.83 5.75
CA VAL A 158 -13.41 -8.52 6.36
C VAL A 158 -14.32 -7.63 5.51
N GLY A 159 -14.26 -7.79 4.19
CA GLY A 159 -15.17 -7.03 3.33
C GLY A 159 -16.61 -7.45 3.54
N ILE A 160 -16.87 -8.76 3.53
CA ILE A 160 -18.21 -9.26 3.79
C ILE A 160 -18.70 -8.77 5.14
N MET A 161 -17.86 -8.85 6.16
CA MET A 161 -18.24 -8.57 7.54
C MET A 161 -18.08 -7.11 7.93
N PHE A 162 -17.56 -6.25 7.05
CA PHE A 162 -17.37 -4.86 7.42
C PHE A 162 -18.71 -4.22 7.80
N THR A 163 -19.73 -4.42 6.97
CA THR A 163 -21.04 -3.85 7.24
C THR A 163 -21.78 -4.55 8.38
N ILE A 164 -21.30 -5.71 8.83
CA ILE A 164 -21.91 -6.42 9.95
C ILE A 164 -20.81 -7.10 10.75
N ASN A 165 -20.56 -6.61 11.96
CA ASN A 165 -19.68 -7.28 12.92
C ASN A 165 -18.25 -7.39 12.36
N ASN A 166 -17.61 -6.23 12.26
CA ASN A 166 -16.22 -6.20 11.81
C ASN A 166 -15.29 -6.83 12.84
N GLN A 167 -15.60 -6.68 14.13
CA GLN A 167 -14.77 -7.29 15.16
C GLN A 167 -14.65 -8.80 14.96
N PHE A 168 -15.62 -9.42 14.29
CA PHE A 168 -15.59 -10.86 14.09
C PHE A 168 -14.27 -11.32 13.50
N VAL A 169 -13.63 -10.50 12.67
CA VAL A 169 -12.40 -10.91 12.00
C VAL A 169 -11.25 -10.97 12.99
N PHE A 170 -11.26 -10.11 14.02
CA PHE A 170 -10.19 -10.12 15.01
C PHE A 170 -10.22 -11.39 15.83
N TRP A 171 -11.41 -11.79 16.31
CA TRP A 171 -11.53 -13.04 17.05
C TRP A 171 -10.94 -14.21 16.26
N LEU A 172 -11.20 -14.25 14.96
CA LEU A 172 -10.57 -15.26 14.11
C LEU A 172 -9.05 -15.21 14.24
N GLY A 173 -8.49 -14.00 14.31
CA GLY A 173 -7.05 -13.89 14.44
C GLY A 173 -6.52 -14.65 15.63
N SER A 174 -7.08 -14.39 16.82
CA SER A 174 -6.66 -15.13 18.01
C SER A 174 -6.80 -16.63 17.80
N GLY A 175 -7.96 -17.06 17.28
CA GLY A 175 -8.13 -18.47 16.99
C GLY A 175 -7.07 -19.00 16.04
N CYS A 176 -6.83 -18.27 14.95
CA CYS A 176 -5.81 -18.69 14.00
C CYS A 176 -4.45 -18.81 14.70
N ALA A 177 -4.15 -17.91 15.62
CA ALA A 177 -2.89 -17.99 16.35
C ALA A 177 -2.79 -19.29 17.13
N LEU A 178 -3.89 -19.74 17.71
CA LEU A 178 -3.87 -21.01 18.44
C LEU A 178 -3.59 -22.18 17.51
N ILE A 179 -4.30 -22.26 16.38
CA ILE A 179 -4.00 -23.31 15.42
C ILE A 179 -2.62 -23.06 14.83
N LEU A 180 -2.18 -21.81 14.82
CA LEU A 180 -0.80 -21.51 14.43
C LEU A 180 0.19 -22.15 15.40
N ALA A 181 -0.21 -22.34 16.65
CA ALA A 181 0.63 -23.02 17.62
C ALA A 181 0.60 -24.54 17.41
N VAL A 182 -0.59 -25.09 17.15
CA VAL A 182 -0.70 -26.52 16.86
C VAL A 182 0.26 -26.90 15.74
N LEU A 183 0.22 -26.15 14.64
CA LEU A 183 1.16 -26.37 13.54
C LEU A 183 2.59 -26.35 14.04
N LEU A 184 2.93 -25.37 14.87
CA LEU A 184 4.31 -25.19 15.30
C LEU A 184 4.78 -26.35 16.18
N PHE A 185 3.86 -27.00 16.89
CA PHE A 185 4.23 -28.13 17.72
C PHE A 185 4.56 -29.35 16.87
N PHE A 186 3.67 -29.73 15.96
CA PHE A 186 3.88 -30.91 15.13
C PHE A 186 4.91 -30.68 14.03
N ALA A 187 5.28 -29.44 13.74
CA ALA A 187 6.40 -29.18 12.85
C ALA A 187 7.67 -29.73 13.49
N LYS A 188 8.52 -30.33 12.67
CA LYS A 188 9.71 -31.03 13.14
C LYS A 188 10.96 -30.25 12.72
N THR A 189 11.80 -29.93 13.71
CA THR A 189 13.06 -29.24 13.47
C THR A 189 13.95 -29.44 14.70
N ASP A 190 15.09 -28.74 14.71
CA ASP A 190 16.02 -28.86 15.84
C ASP A 190 15.31 -28.61 17.15
N ALA A 191 15.79 -29.28 18.19
CA ALA A 191 15.14 -29.28 19.50
C ALA A 191 15.79 -28.26 20.42
N PRO A 192 15.14 -27.96 21.57
CA PRO A 192 15.71 -26.96 22.49
C PRO A 192 16.98 -27.42 23.18
N SER A 193 17.24 -26.87 24.38
CA SER A 193 18.44 -27.17 25.15
C SER A 193 19.71 -26.68 24.45
N SER A 194 19.56 -25.65 23.61
CA SER A 194 20.68 -25.07 22.88
C SER A 194 20.84 -23.59 23.25
N HIS A 205 32.53 -23.62 15.11
CA HIS A 205 33.36 -22.70 14.32
C HIS A 205 32.62 -22.22 13.09
N SER A 206 31.66 -23.02 12.63
CA SER A 206 30.82 -22.67 11.49
C SER A 206 29.46 -22.15 11.92
N ALA A 207 29.25 -21.89 13.21
CA ALA A 207 27.98 -21.41 13.72
C ALA A 207 27.85 -19.90 13.49
N PHE A 208 26.91 -19.27 14.19
CA PHE A 208 26.67 -17.84 14.08
C PHE A 208 27.42 -17.09 15.17
N SER A 209 27.77 -15.84 14.88
CA SER A 209 28.46 -14.99 15.84
C SER A 209 28.26 -13.53 15.44
N LEU A 210 28.22 -12.66 16.45
CA LEU A 210 28.10 -11.22 16.19
C LEU A 210 29.34 -10.71 15.47
N LYS A 211 30.52 -11.11 15.93
CA LYS A 211 31.77 -10.60 15.35
C LYS A 211 31.79 -10.81 13.84
N LEU A 212 31.51 -12.04 13.40
CA LEU A 212 31.46 -12.29 11.95
C LEU A 212 30.26 -11.64 11.29
N ALA A 213 29.23 -11.29 12.06
CA ALA A 213 28.08 -10.61 11.50
C ALA A 213 28.35 -9.12 11.28
N LEU A 214 29.14 -8.50 12.15
CA LEU A 214 29.48 -7.09 11.95
C LEU A 214 30.58 -6.95 10.89
N GLU A 215 31.53 -7.88 10.85
CA GLU A 215 32.45 -7.95 9.73
C GLU A 215 31.70 -8.10 8.40
N LEU A 216 30.44 -8.54 8.47
CA LEU A 216 29.62 -8.66 7.26
C LEU A 216 29.29 -7.29 6.67
N PHE A 217 29.12 -6.28 7.53
CA PHE A 217 28.86 -4.93 7.03
C PHE A 217 29.99 -4.45 6.12
N ARG A 218 31.23 -4.84 6.41
CA ARG A 218 32.36 -4.42 5.59
C ARG A 218 32.34 -5.01 4.19
N GLN A 219 31.43 -5.94 3.91
CA GLN A 219 31.43 -6.60 2.60
C GLN A 219 30.76 -5.70 1.57
N PRO A 220 31.36 -5.49 0.39
CA PRO A 220 30.73 -4.62 -0.60
C PRO A 220 29.41 -5.16 -1.13
N LYS A 221 29.34 -6.47 -1.40
CA LYS A 221 28.11 -7.06 -1.91
C LYS A 221 26.91 -6.67 -1.06
N LEU A 222 27.10 -6.51 0.25
CA LEU A 222 26.02 -6.04 1.11
C LEU A 222 25.61 -4.62 0.73
N TRP A 223 26.60 -3.73 0.58
CA TRP A 223 26.29 -2.33 0.26
C TRP A 223 25.45 -2.22 -1.00
N PHE A 224 25.83 -2.93 -2.06
CA PHE A 224 25.08 -2.87 -3.31
C PHE A 224 23.67 -3.41 -3.13
N LEU A 225 23.54 -4.58 -2.51
CA LEU A 225 22.22 -5.13 -2.23
C LEU A 225 21.36 -4.13 -1.46
N SER A 226 21.95 -3.50 -0.44
CA SER A 226 21.24 -2.47 0.31
C SER A 226 20.77 -1.36 -0.63
N LEU A 227 21.65 -0.91 -1.52
CA LEU A 227 21.29 0.15 -2.46
C LEU A 227 20.03 -0.21 -3.23
N TYR A 228 19.93 -1.46 -3.69
CA TYR A 228 18.73 -1.91 -4.37
C TYR A 228 17.50 -1.79 -3.47
N VAL A 229 17.68 -2.04 -2.17
CA VAL A 229 16.54 -2.04 -1.25
C VAL A 229 15.97 -0.63 -1.10
N ILE A 230 16.81 0.33 -0.71
CA ILE A 230 16.31 1.68 -0.46
C ILE A 230 16.04 2.42 -1.77
N GLY A 231 16.66 2.02 -2.87
CA GLY A 231 16.52 2.73 -4.12
C GLY A 231 15.31 2.33 -4.94
N VAL A 232 15.02 1.03 -4.99
CA VAL A 232 13.91 0.53 -5.81
C VAL A 232 12.86 -0.22 -4.99
N SER A 233 13.19 -0.72 -3.80
CA SER A 233 12.21 -1.44 -3.00
C SER A 233 11.48 -0.53 -2.02
N CYS A 234 12.24 0.32 -1.29
CA CYS A 234 11.60 1.29 -0.40
C CYS A 234 10.68 2.22 -1.18
N THR A 235 11.16 2.75 -2.29
CA THR A 235 10.35 3.67 -3.09
C THR A 235 9.04 3.02 -3.50
N TYR A 236 9.07 1.72 -3.82
CA TYR A 236 7.85 1.04 -4.24
C TYR A 236 6.86 0.90 -3.08
N ASP A 237 7.35 0.73 -1.85
CA ASP A 237 6.46 0.54 -0.72
C ASP A 237 5.75 1.82 -0.34
N VAL A 238 6.45 2.96 -0.37
CA VAL A 238 5.80 4.23 -0.10
C VAL A 238 4.81 4.58 -1.20
N PHE A 239 5.09 4.17 -2.44
CA PHE A 239 4.15 4.37 -3.52
C PHE A 239 2.82 3.68 -3.23
N ASP A 240 2.87 2.48 -2.65
CA ASP A 240 1.67 1.73 -2.35
C ASP A 240 0.96 2.22 -1.08
N GLN A 241 1.67 2.98 -0.23
CA GLN A 241 1.07 3.47 1.01
C GLN A 241 -0.25 4.20 0.73
N GLN A 242 -0.21 5.20 -0.15
CA GLN A 242 -1.37 6.01 -0.45
C GLN A 242 -1.95 5.72 -1.83
N PHE A 243 -1.77 4.48 -2.31
CA PHE A 243 -2.31 4.12 -3.62
C PHE A 243 -3.82 3.91 -3.56
N ALA A 244 -4.35 3.45 -2.43
CA ALA A 244 -5.78 3.16 -2.35
C ALA A 244 -6.62 4.43 -2.46
N ASN A 245 -6.14 5.54 -1.91
CA ASN A 245 -6.83 6.81 -2.11
C ASN A 245 -6.72 7.26 -3.56
N PHE A 246 -5.52 7.17 -4.13
CA PHE A 246 -5.35 7.46 -5.56
C PHE A 246 -6.17 6.51 -6.41
N PHE A 247 -6.42 5.30 -5.94
CA PHE A 247 -7.25 4.36 -6.67
C PHE A 247 -8.71 4.81 -6.66
N THR A 248 -9.21 5.28 -5.52
CA THR A 248 -10.56 5.79 -5.42
C THR A 248 -10.73 7.12 -6.16
N SER A 249 -9.63 7.79 -6.51
CA SER A 249 -9.73 9.05 -7.22
C SER A 249 -10.21 8.92 -8.66
N PHE A 250 -10.58 7.71 -9.08
CA PHE A 250 -11.01 7.45 -10.45
C PHE A 250 -12.44 6.94 -10.35
N PHE A 251 -13.03 6.97 -9.16
CA PHE A 251 -14.39 6.50 -8.96
C PHE A 251 -15.22 7.58 -8.29
N ALA A 252 -16.54 7.43 -8.37
CA ALA A 252 -17.45 8.48 -7.92
C ALA A 252 -17.62 8.49 -6.41
N THR A 253 -18.46 7.58 -5.92
CA THR A 253 -18.67 7.41 -4.49
C THR A 253 -17.48 6.58 -4.05
N GLY A 254 -16.86 6.92 -2.93
CA GLY A 254 -15.70 6.18 -2.48
C GLY A 254 -16.02 4.73 -2.16
N GLU A 255 -17.17 4.49 -1.53
CA GLU A 255 -17.52 3.13 -1.12
C GLU A 255 -17.74 2.23 -2.33
N GLN A 256 -17.85 2.80 -3.53
CA GLN A 256 -17.71 2.03 -4.77
C GLN A 256 -16.24 1.82 -5.09
N GLY A 257 -15.45 2.90 -5.07
CA GLY A 257 -14.03 2.78 -5.38
C GLY A 257 -13.32 1.80 -4.47
N THR A 258 -13.62 1.83 -3.18
CA THR A 258 -13.01 0.88 -2.26
C THR A 258 -13.54 -0.54 -2.49
N ARG A 259 -14.80 -0.67 -2.90
CA ARG A 259 -15.35 -1.99 -3.18
C ARG A 259 -14.60 -2.65 -4.34
N VAL A 260 -14.39 -1.90 -5.43
CA VAL A 260 -13.58 -2.40 -6.53
C VAL A 260 -12.19 -2.79 -6.05
N PHE A 261 -11.54 -1.87 -5.33
CA PHE A 261 -10.21 -2.14 -4.78
C PHE A 261 -10.20 -3.43 -3.96
N TRP A 262 -11.28 -3.69 -3.22
CA TRP A 262 -11.37 -4.91 -2.43
C TRP A 262 -11.54 -6.13 -3.32
N TYR A 263 -12.15 -5.98 -4.49
CA TYR A 263 -12.19 -7.09 -5.44
C TYR A 263 -10.81 -7.39 -6.00
N VAL A 264 -10.09 -6.35 -6.41
CA VAL A 264 -8.81 -6.55 -7.09
C VAL A 264 -7.78 -7.12 -6.13
N THR A 265 -7.81 -6.69 -4.87
CA THR A 265 -6.89 -7.25 -3.88
C THR A 265 -7.19 -8.73 -3.66
N THR A 266 -8.44 -9.06 -3.34
CA THR A 266 -8.81 -10.45 -3.11
C THR A 266 -8.46 -11.31 -4.34
N MET A 267 -9.02 -10.97 -5.49
CA MET A 267 -8.72 -11.71 -6.70
C MET A 267 -7.24 -11.62 -7.07
N GLY A 268 -6.68 -10.41 -7.00
CA GLY A 268 -5.30 -10.23 -7.39
C GLY A 268 -4.34 -11.10 -6.60
N GLU A 269 -4.58 -11.23 -5.28
CA GLU A 269 -3.70 -12.06 -4.47
C GLU A 269 -3.80 -13.52 -4.83
N LEU A 270 -4.98 -13.99 -5.25
CA LEU A 270 -5.09 -15.32 -5.82
C LEU A 270 -4.22 -15.44 -7.06
N LEU A 271 -4.30 -14.44 -7.95
CA LEU A 271 -3.38 -14.36 -9.07
C LEU A 271 -1.94 -14.30 -8.58
N ASN A 272 -1.70 -13.59 -7.48
CA ASN A 272 -0.35 -13.52 -6.92
C ASN A 272 0.12 -14.90 -6.46
N ALA A 273 -0.77 -15.68 -5.85
CA ALA A 273 -0.39 -17.03 -5.42
C ALA A 273 -0.01 -17.89 -6.61
N SER A 274 -0.87 -17.95 -7.62
CA SER A 274 -0.62 -18.76 -8.80
C SER A 274 0.77 -18.47 -9.38
N ILE A 275 1.11 -17.18 -9.52
CA ILE A 275 2.42 -16.81 -10.04
C ILE A 275 3.51 -17.34 -9.12
N MET A 276 3.34 -17.19 -7.81
CA MET A 276 4.37 -17.63 -6.87
C MET A 276 4.59 -19.14 -6.95
N PHE A 277 3.56 -19.90 -7.33
CA PHE A 277 3.71 -21.34 -7.48
C PHE A 277 4.83 -21.67 -8.46
N PHE A 278 4.82 -21.03 -9.62
CA PHE A 278 5.81 -21.29 -10.66
C PHE A 278 7.08 -20.48 -10.50
N ALA A 279 7.04 -19.39 -9.73
CA ALA A 279 8.20 -18.52 -9.58
C ALA A 279 9.50 -19.28 -9.32
N PRO A 280 9.55 -20.23 -8.37
CA PRO A 280 10.82 -20.97 -8.18
C PRO A 280 11.37 -21.57 -9.46
N LEU A 281 10.50 -22.15 -10.29
CA LEU A 281 10.97 -22.79 -11.52
C LEU A 281 11.67 -21.80 -12.44
N ILE A 282 11.19 -20.55 -12.47
CA ILE A 282 11.83 -19.52 -13.28
C ILE A 282 13.08 -18.99 -12.58
N ILE A 283 12.93 -18.53 -11.34
CA ILE A 283 14.05 -17.95 -10.62
C ILE A 283 15.23 -18.91 -10.54
N ASN A 284 14.97 -20.22 -10.63
CA ASN A 284 16.06 -21.19 -10.59
C ASN A 284 16.92 -21.10 -11.84
N ARG A 285 16.30 -20.94 -13.01
CA ARG A 285 16.99 -21.09 -14.28
C ARG A 285 17.54 -19.78 -14.85
N ILE A 286 17.13 -18.62 -14.32
CA ILE A 286 17.57 -17.34 -14.87
C ILE A 286 18.39 -16.52 -13.88
N GLY A 287 18.55 -16.99 -12.65
CA GLY A 287 19.44 -16.35 -11.69
C GLY A 287 18.66 -15.63 -10.59
N GLY A 288 19.42 -15.20 -9.59
CA GLY A 288 18.86 -14.51 -8.44
C GLY A 288 18.67 -13.03 -8.67
N LYS A 289 19.74 -12.34 -9.08
CA LYS A 289 19.63 -10.90 -9.32
C LYS A 289 18.59 -10.59 -10.39
N ASN A 290 18.43 -11.48 -11.37
CA ASN A 290 17.47 -11.25 -12.44
C ASN A 290 16.05 -11.18 -11.90
N ALA A 291 15.74 -11.92 -10.84
CA ALA A 291 14.42 -11.81 -10.21
C ALA A 291 14.24 -10.43 -9.58
N LEU A 292 15.28 -9.91 -8.93
CA LEU A 292 15.20 -8.57 -8.37
C LEU A 292 15.04 -7.52 -9.47
N LEU A 293 15.85 -7.64 -10.53
CA LEU A 293 15.73 -6.71 -11.65
C LEU A 293 14.33 -6.77 -12.26
N LEU A 294 13.84 -7.99 -12.51
CA LEU A 294 12.50 -8.15 -13.07
C LEU A 294 11.45 -7.54 -12.14
N ALA A 295 11.55 -7.85 -10.84
CA ALA A 295 10.66 -7.22 -9.86
C ALA A 295 10.80 -5.70 -9.91
N GLY A 296 12.04 -5.20 -9.81
CA GLY A 296 12.25 -3.77 -9.90
C GLY A 296 11.68 -3.15 -11.15
N THR A 297 11.67 -3.89 -12.26
CA THR A 297 11.08 -3.38 -13.50
C THR A 297 9.56 -3.32 -13.38
N ILE A 298 8.93 -4.41 -12.93
CA ILE A 298 7.49 -4.40 -12.71
C ILE A 298 7.13 -3.27 -11.74
N MET A 299 7.96 -3.06 -10.72
CA MET A 299 7.75 -1.94 -9.81
C MET A 299 7.77 -0.62 -10.57
N SER A 300 8.91 -0.30 -11.19
CA SER A 300 9.05 0.97 -11.90
C SER A 300 7.90 1.18 -12.89
N VAL A 301 7.52 0.14 -13.61
CA VAL A 301 6.43 0.25 -14.57
C VAL A 301 5.12 0.61 -13.86
N ARG A 302 4.93 0.13 -12.64
CA ARG A 302 3.69 0.41 -11.93
C ARG A 302 3.64 1.87 -11.48
N ILE A 303 4.79 2.43 -11.08
CA ILE A 303 4.82 3.84 -10.67
C ILE A 303 4.60 4.73 -11.88
N ILE A 304 5.48 4.60 -12.88
CA ILE A 304 5.39 5.44 -14.07
C ILE A 304 4.04 5.25 -14.76
N GLY A 305 3.53 4.02 -14.75
CA GLY A 305 2.21 3.79 -15.31
C GLY A 305 1.12 4.54 -14.57
N SER A 306 1.16 4.51 -13.24
CA SER A 306 0.19 5.25 -12.44
C SER A 306 0.33 6.76 -12.63
N SER A 307 1.51 7.24 -13.05
CA SER A 307 1.69 8.66 -13.28
C SER A 307 0.94 9.13 -14.53
N PHE A 308 0.60 8.21 -15.44
CA PHE A 308 -0.07 8.56 -16.69
C PHE A 308 -1.47 7.95 -16.80
N ALA A 309 -1.95 7.27 -15.76
CA ALA A 309 -3.27 6.65 -15.83
C ALA A 309 -4.34 7.70 -16.10
N THR A 310 -5.45 7.25 -16.67
CA THR A 310 -6.55 8.14 -17.02
C THR A 310 -7.90 7.43 -17.08
N SER A 311 -8.07 6.28 -16.60
CA SER A 311 -9.30 5.51 -16.71
C SER A 311 -9.17 4.55 -15.54
N ALA A 312 -10.31 4.25 -14.93
CA ALA A 312 -10.35 3.25 -13.86
C ALA A 312 -9.75 1.93 -14.33
N LEU A 313 -10.10 1.51 -15.56
CA LEU A 313 -9.52 0.29 -16.11
C LEU A 313 -8.00 0.36 -16.09
N GLU A 314 -7.43 1.49 -16.49
CA GLU A 314 -5.97 1.63 -16.50
C GLU A 314 -5.38 1.52 -15.10
N VAL A 315 -6.11 2.01 -14.09
CA VAL A 315 -5.56 1.99 -12.74
C VAL A 315 -5.77 0.62 -12.08
N VAL A 316 -6.82 -0.10 -12.46
CA VAL A 316 -7.01 -1.46 -11.95
C VAL A 316 -5.88 -2.35 -12.41
N ILE A 317 -5.57 -2.30 -13.71
CA ILE A 317 -4.44 -3.06 -14.24
C ILE A 317 -3.18 -2.76 -13.46
N LEU A 318 -2.98 -1.50 -13.07
CA LEU A 318 -1.78 -1.12 -12.34
C LEU A 318 -1.76 -1.76 -10.95
N LYS A 319 -2.91 -1.86 -10.30
CA LYS A 319 -2.96 -2.56 -9.01
C LYS A 319 -2.65 -4.04 -9.18
N THR A 320 -3.38 -4.72 -10.07
CA THR A 320 -3.07 -6.11 -10.35
C THR A 320 -1.62 -6.29 -10.74
N LEU A 321 -1.02 -5.25 -11.33
CA LEU A 321 0.40 -5.29 -11.68
C LEU A 321 1.27 -5.50 -10.45
N HIS A 322 0.77 -5.15 -9.26
CA HIS A 322 1.50 -5.44 -8.03
C HIS A 322 1.64 -6.95 -7.81
N MET A 323 0.63 -7.71 -8.21
CA MET A 323 0.63 -9.16 -8.00
C MET A 323 1.68 -9.88 -8.83
N PHE A 324 2.26 -9.22 -9.83
CA PHE A 324 3.27 -9.84 -10.66
C PHE A 324 4.69 -9.60 -10.15
N GLU A 325 4.90 -8.59 -9.31
CA GLU A 325 6.23 -8.30 -8.79
C GLU A 325 6.51 -9.00 -7.47
N VAL A 326 5.49 -9.21 -6.64
CA VAL A 326 5.70 -9.86 -5.34
C VAL A 326 6.42 -11.19 -5.49
N PRO A 327 5.95 -12.14 -6.31
CA PRO A 327 6.63 -13.44 -6.38
C PRO A 327 8.10 -13.33 -6.74
N PHE A 328 8.45 -12.42 -7.65
CA PHE A 328 9.83 -12.28 -8.08
C PHE A 328 10.67 -11.47 -7.09
N LEU A 329 10.04 -10.73 -6.19
CA LEU A 329 10.76 -10.00 -5.15
C LEU A 329 11.06 -10.87 -3.94
N LEU A 330 10.06 -11.63 -3.47
CA LEU A 330 10.25 -12.47 -2.30
C LEU A 330 11.06 -13.71 -2.64
N VAL A 331 10.54 -14.55 -3.56
CA VAL A 331 11.29 -15.73 -3.97
C VAL A 331 12.65 -15.34 -4.54
N GLY A 332 12.73 -14.18 -5.19
CA GLY A 332 13.97 -13.78 -5.84
C GLY A 332 15.04 -13.35 -4.86
N CYS A 333 14.66 -12.56 -3.84
CA CYS A 333 15.66 -12.02 -2.93
C CYS A 333 16.34 -13.12 -2.14
N PHE A 334 15.56 -13.99 -1.49
CA PHE A 334 16.15 -15.13 -0.81
C PHE A 334 17.04 -15.93 -1.74
N LYS A 335 16.62 -16.10 -3.00
CA LYS A 335 17.43 -16.83 -3.97
C LYS A 335 18.67 -16.06 -4.37
N TYR A 336 18.69 -14.73 -4.18
CA TYR A 336 19.91 -13.95 -4.33
C TYR A 336 20.71 -13.89 -3.04
N ILE A 337 20.02 -13.85 -1.90
CA ILE A 337 20.69 -13.84 -0.60
C ILE A 337 21.57 -15.08 -0.44
N THR A 338 20.95 -16.26 -0.49
CA THR A 338 21.58 -17.51 -0.09
C THR A 338 22.36 -18.10 -1.27
N SER A 339 23.34 -17.33 -1.72
CA SER A 339 24.19 -17.70 -2.84
C SER A 339 25.36 -16.71 -2.92
N GLN A 340 25.05 -15.43 -2.73
CA GLN A 340 26.06 -14.38 -2.63
C GLN A 340 26.58 -14.21 -1.21
N PHE A 341 25.87 -14.75 -0.21
CA PHE A 341 26.27 -14.64 1.19
C PHE A 341 26.13 -16.00 1.86
N GLU A 342 26.84 -16.15 2.97
CA GLU A 342 26.83 -17.39 3.72
C GLU A 342 25.46 -17.62 4.34
N VAL A 343 24.92 -18.83 4.17
CA VAL A 343 23.58 -19.15 4.65
C VAL A 343 23.42 -18.83 6.13
N ARG A 344 24.49 -19.00 6.92
CA ARG A 344 24.37 -18.79 8.36
C ARG A 344 23.92 -17.38 8.72
N PHE A 345 23.97 -16.44 7.78
CA PHE A 345 23.51 -15.07 8.00
C PHE A 345 22.21 -14.77 7.25
N SER A 346 21.57 -15.78 6.68
CA SER A 346 20.44 -15.54 5.78
C SER A 346 19.33 -14.74 6.44
N ALA A 347 19.00 -15.06 7.70
CA ALA A 347 17.94 -14.35 8.39
C ALA A 347 18.37 -12.98 8.89
N THR A 348 19.67 -12.74 9.04
CA THR A 348 20.11 -11.47 9.61
C THR A 348 20.14 -10.36 8.56
N ILE A 349 20.70 -10.64 7.38
CA ILE A 349 20.78 -9.60 6.36
C ILE A 349 19.39 -9.34 5.78
N TYR A 350 18.57 -10.38 5.63
CA TYR A 350 17.22 -10.18 5.12
C TYR A 350 16.42 -9.28 6.06
N LEU A 351 16.65 -9.41 7.37
CA LEU A 351 15.94 -8.57 8.32
C LEU A 351 16.56 -7.18 8.45
N VAL A 352 17.89 -7.07 8.31
CA VAL A 352 18.54 -5.78 8.45
C VAL A 352 18.80 -5.13 7.09
N CYS A 353 19.27 -5.90 6.10
CA CYS A 353 19.58 -5.32 4.80
C CYS A 353 18.30 -4.91 4.07
N PHE A 354 17.29 -5.79 4.08
CA PHE A 354 16.01 -5.45 3.47
C PHE A 354 15.13 -4.66 4.43
N CYS A 355 14.59 -5.33 5.44
CA CYS A 355 13.51 -4.75 6.24
C CYS A 355 13.98 -3.52 7.02
N PHE A 356 15.11 -3.61 7.72
CA PHE A 356 15.57 -2.49 8.54
C PHE A 356 15.96 -1.29 7.68
N PHE A 357 16.84 -1.50 6.70
CA PHE A 357 17.27 -0.39 5.86
C PHE A 357 16.14 0.13 4.99
N LYS A 358 15.27 -0.77 4.50
CA LYS A 358 14.06 -0.33 3.84
C LYS A 358 13.22 0.52 4.79
N GLN A 359 12.99 0.01 6.00
CA GLN A 359 12.27 0.77 7.01
C GLN A 359 12.97 2.09 7.32
N LEU A 360 14.30 2.10 7.27
CA LEU A 360 15.05 3.32 7.54
C LEU A 360 14.77 4.39 6.50
N ALA A 361 14.95 4.05 5.22
CA ALA A 361 14.74 5.03 4.17
C ALA A 361 13.27 5.44 4.06
N MET A 362 12.35 4.53 4.39
CA MET A 362 10.93 4.87 4.31
C MET A 362 10.55 5.98 5.27
N ILE A 363 11.39 6.29 6.26
CA ILE A 363 11.10 7.40 7.16
C ILE A 363 11.24 8.72 6.41
N PHE A 364 12.39 8.93 5.78
CA PHE A 364 12.61 10.16 5.02
C PHE A 364 11.78 10.17 3.74
N MET A 365 11.72 9.03 3.04
CA MET A 365 11.00 8.98 1.77
C MET A 365 9.51 9.22 1.97
N SER A 366 8.95 8.78 3.09
CA SER A 366 7.50 8.90 3.29
C SER A 366 7.09 10.34 3.55
N VAL A 367 7.90 11.09 4.31
CA VAL A 367 7.57 12.49 4.55
C VAL A 367 7.94 13.34 3.34
N LEU A 368 8.97 12.93 2.60
CA LEU A 368 9.36 13.68 1.39
C LEU A 368 8.29 13.55 0.30
N ALA A 369 7.78 12.34 0.09
CA ALA A 369 6.73 12.14 -0.91
C ALA A 369 5.40 12.72 -0.45
N GLY A 370 5.16 12.77 0.87
CA GLY A 370 3.94 13.36 1.37
C GLY A 370 3.86 14.85 1.10
N ASN A 371 5.01 15.52 0.98
CA ASN A 371 5.01 16.94 0.62
C ASN A 371 4.66 17.14 -0.85
N MET A 372 5.01 16.16 -1.70
CA MET A 372 4.60 16.24 -3.10
C MET A 372 3.10 16.04 -3.25
N TYR A 373 2.53 15.11 -2.48
CA TYR A 373 1.08 14.92 -2.49
C TYR A 373 0.35 16.23 -2.22
N GLU A 374 0.94 17.10 -1.39
CA GLU A 374 0.36 18.41 -1.11
C GLU A 374 0.82 19.46 -2.11
N SER A 375 2.08 19.36 -2.56
CA SER A 375 2.63 20.35 -3.49
C SER A 375 2.20 20.06 -4.92
N ILE A 376 2.70 18.97 -5.50
CA ILE A 376 2.45 18.66 -6.91
C ILE A 376 1.22 17.77 -7.04
N GLY A 377 1.23 16.61 -6.38
CA GLY A 377 0.10 15.71 -6.39
C GLY A 377 0.52 14.27 -6.63
N PHE A 378 -0.48 13.39 -6.58
CA PHE A 378 -0.28 11.96 -6.78
C PHE A 378 0.56 11.64 -8.01
N GLN A 379 -0.10 11.44 -9.16
CA GLN A 379 0.56 11.06 -10.40
C GLN A 379 1.85 11.85 -10.63
N GLY A 380 1.84 13.14 -10.26
CA GLY A 380 3.04 13.94 -10.39
C GLY A 380 4.17 13.43 -9.50
N ALA A 381 3.86 13.10 -8.25
CA ALA A 381 4.84 12.48 -7.38
C ALA A 381 5.24 11.10 -7.90
N TYR A 382 4.26 10.34 -8.39
CA TYR A 382 4.56 9.02 -8.94
C TYR A 382 5.60 9.09 -10.05
N LEU A 383 5.63 10.20 -10.80
CA LEU A 383 6.62 10.34 -11.86
C LEU A 383 8.02 10.40 -11.30
N VAL A 384 8.20 11.08 -10.17
CA VAL A 384 9.52 11.19 -9.56
C VAL A 384 9.92 9.84 -8.97
N LEU A 385 9.04 9.23 -8.18
CA LEU A 385 9.29 7.90 -7.65
C LEU A 385 9.63 6.91 -8.76
N GLY A 386 8.87 6.98 -9.86
CA GLY A 386 9.13 6.07 -10.97
C GLY A 386 10.53 6.21 -11.54
N LEU A 387 11.01 7.46 -11.64
CA LEU A 387 12.33 7.67 -12.22
C LEU A 387 13.43 7.12 -11.33
N VAL A 388 13.31 7.30 -10.02
CA VAL A 388 14.34 6.82 -9.10
C VAL A 388 14.26 5.31 -8.97
N ALA A 389 13.05 4.76 -8.89
CA ALA A 389 12.90 3.31 -8.88
C ALA A 389 13.45 2.72 -10.18
N LEU A 390 12.96 3.20 -11.32
CA LEU A 390 13.55 2.82 -12.60
C LEU A 390 15.04 3.13 -12.62
N GLY A 391 15.42 4.31 -12.12
CA GLY A 391 16.83 4.69 -12.16
C GLY A 391 17.72 3.74 -11.39
N PHE A 392 17.35 3.44 -10.14
CA PHE A 392 18.18 2.56 -9.33
C PHE A 392 18.11 1.11 -9.80
N THR A 393 17.05 0.73 -10.51
CA THR A 393 17.02 -0.59 -11.12
C THR A 393 17.99 -0.69 -12.29
N LEU A 394 18.37 0.43 -12.89
CA LEU A 394 19.37 0.43 -13.95
C LEU A 394 20.74 0.07 -13.39
N ILE A 395 21.30 0.93 -12.54
CA ILE A 395 22.60 0.65 -11.96
C ILE A 395 22.61 -0.68 -11.21
N SER A 396 21.43 -1.15 -10.78
CA SER A 396 21.37 -2.44 -10.09
C SER A 396 21.88 -3.58 -10.98
N VAL A 397 21.68 -3.49 -12.29
CA VAL A 397 22.10 -4.58 -13.17
C VAL A 397 23.61 -4.74 -13.16
N PHE A 398 24.34 -3.63 -13.00
CA PHE A 398 25.81 -3.69 -12.99
C PHE A 398 26.37 -3.92 -11.59
N THR A 399 25.72 -3.38 -10.56
CA THR A 399 26.25 -3.48 -9.20
C THR A 399 26.13 -4.89 -8.66
N LEU A 400 24.92 -5.44 -8.66
CA LEU A 400 24.67 -6.76 -8.08
C LEU A 400 25.58 -7.81 -8.69
N SER A 401 26.53 -8.32 -7.91
CA SER A 401 27.35 -9.43 -8.37
C SER A 401 26.48 -10.63 -8.66
N GLY A 402 26.73 -11.27 -9.80
CA GLY A 402 25.92 -12.38 -10.25
C GLY A 402 25.82 -12.40 -11.76
N PRO A 403 25.07 -13.35 -12.32
CA PRO A 403 24.96 -13.44 -13.78
C PRO A 403 24.43 -12.14 -14.40
N GLY A 404 23.11 -11.98 -14.43
CA GLY A 404 22.49 -10.80 -14.99
C GLY A 404 21.63 -11.11 -16.19
N PRO A 405 21.11 -10.07 -16.84
CA PRO A 405 20.24 -10.31 -18.01
C PRO A 405 21.00 -10.84 -19.21
N LEU A 406 22.24 -10.37 -19.41
CA LEU A 406 23.06 -10.81 -20.52
C LEU A 406 23.14 -12.32 -20.64
N SER A 407 22.98 -13.04 -19.53
CA SER A 407 23.16 -14.50 -19.52
C SER A 407 21.94 -15.18 -20.12
N LEU A 408 21.83 -15.08 -21.45
CA LEU A 408 20.76 -15.73 -22.19
C LEU A 408 21.22 -16.08 -23.60
N VAL B 1 -3.28 27.49 -1.55
CA VAL B 1 -3.80 27.85 -2.86
C VAL B 1 -5.31 28.07 -2.78
N GLN B 2 -5.78 29.22 -3.27
CA GLN B 2 -7.17 29.62 -3.16
C GLN B 2 -7.93 29.23 -4.43
N LEU B 3 -9.11 29.82 -4.64
CA LEU B 3 -9.94 29.50 -5.80
C LEU B 3 -10.84 30.70 -6.09
N VAL B 4 -10.60 31.40 -7.20
CA VAL B 4 -11.51 32.46 -7.66
C VAL B 4 -12.52 31.83 -8.62
N GLU B 5 -13.70 32.43 -8.69
CA GLU B 5 -14.78 31.89 -9.50
C GLU B 5 -15.48 33.04 -10.21
N SER B 6 -15.31 33.12 -11.53
CA SER B 6 -15.93 34.17 -12.32
C SER B 6 -17.34 33.73 -12.74
N GLY B 7 -18.01 34.58 -13.51
CA GLY B 7 -19.32 34.25 -14.04
C GLY B 7 -20.41 34.40 -12.99
N GLY B 8 -21.58 33.90 -13.35
CA GLY B 8 -22.75 33.92 -12.50
C GLY B 8 -23.66 35.10 -12.82
N GLY B 9 -24.83 35.07 -12.16
CA GLY B 9 -25.81 36.12 -12.33
C GLY B 9 -27.16 35.61 -12.80
N LEU B 10 -27.93 36.48 -13.45
CA LEU B 10 -29.26 36.14 -13.92
C LEU B 10 -29.21 35.82 -15.41
N VAL B 11 -29.94 34.77 -15.80
CA VAL B 11 -30.04 34.37 -17.20
C VAL B 11 -31.43 33.81 -17.43
N GLN B 12 -31.95 34.02 -18.63
CA GLN B 12 -33.26 33.47 -18.98
C GLN B 12 -33.16 31.99 -19.27
N ALA B 13 -34.24 31.26 -18.97
CA ALA B 13 -34.27 29.83 -19.17
C ALA B 13 -34.01 29.49 -20.63
N GLY B 14 -32.90 28.79 -20.89
CA GLY B 14 -32.46 28.48 -22.24
C GLY B 14 -31.13 29.12 -22.60
N ASP B 15 -30.70 30.14 -21.86
CA ASP B 15 -29.44 30.81 -22.14
C ASP B 15 -28.27 29.84 -21.91
N SER B 16 -27.07 30.33 -22.20
CA SER B 16 -25.83 29.64 -21.89
C SER B 16 -25.00 30.54 -20.97
N LEU B 17 -24.57 29.99 -19.84
CA LEU B 17 -23.83 30.75 -18.83
C LEU B 17 -22.50 30.04 -18.60
N ARG B 18 -21.43 30.60 -19.15
CA ARG B 18 -20.10 30.02 -18.99
C ARG B 18 -19.49 30.49 -17.68
N LEU B 19 -19.21 29.53 -16.79
CA LEU B 19 -18.49 29.82 -15.55
C LEU B 19 -16.99 29.60 -15.76
N SER B 20 -16.20 30.30 -14.97
CA SER B 20 -14.75 30.16 -15.03
C SER B 20 -14.19 30.11 -13.61
N CYS B 21 -13.13 29.33 -13.43
CA CYS B 21 -12.46 29.21 -12.14
C CYS B 21 -10.96 29.18 -12.37
N ALA B 22 -10.27 30.17 -11.83
CA ALA B 22 -8.82 30.22 -11.81
C ALA B 22 -8.35 30.16 -10.35
N ALA B 23 -7.04 30.13 -10.17
CA ALA B 23 -6.47 30.06 -8.83
C ALA B 23 -5.05 30.61 -8.87
N SER B 24 -4.50 30.83 -7.66
CA SER B 24 -3.21 31.46 -7.46
C SER B 24 -2.43 30.64 -6.44
N GLY B 25 -1.21 30.26 -6.78
CA GLY B 25 -0.38 29.51 -5.87
C GLY B 25 0.50 28.48 -6.54
N GLY B 26 -0.07 27.33 -6.89
CA GLY B 26 0.68 26.21 -7.39
C GLY B 26 0.09 25.63 -8.65
N THR B 27 0.96 25.04 -9.47
CA THR B 27 0.51 24.33 -10.65
C THR B 27 -0.15 23.03 -10.23
N PHE B 28 -1.38 22.80 -10.71
CA PHE B 28 -2.08 21.57 -10.33
C PHE B 28 -1.77 20.44 -11.30
N SER B 29 -0.49 20.25 -11.60
CA SER B 29 -0.06 18.98 -12.17
C SER B 29 -0.65 17.87 -11.31
N THR B 30 -1.24 16.88 -11.96
CA THR B 30 -1.90 15.78 -11.25
C THR B 30 -3.25 16.21 -10.70
N PHE B 31 -3.25 17.19 -9.79
CA PHE B 31 -4.48 17.68 -9.18
C PHE B 31 -5.57 17.86 -10.21
N ASN B 32 -6.79 17.49 -9.84
CA ASN B 32 -7.95 17.64 -10.70
C ASN B 32 -9.03 18.38 -9.95
N MET B 33 -9.73 19.27 -10.65
CA MET B 33 -10.68 20.19 -10.06
C MET B 33 -12.10 19.86 -10.51
N GLY B 34 -13.06 20.51 -9.87
CA GLY B 34 -14.45 20.26 -10.18
C GLY B 34 -15.34 21.39 -9.75
N TRP B 35 -16.65 21.15 -9.86
CA TRP B 35 -17.66 22.14 -9.53
C TRP B 35 -18.76 21.46 -8.72
N PHE B 36 -19.32 22.19 -7.76
CA PHE B 36 -20.47 21.78 -6.99
C PHE B 36 -21.49 22.91 -6.98
N ARG B 37 -22.67 22.64 -6.41
CA ARG B 37 -23.69 23.67 -6.31
C ARG B 37 -24.62 23.34 -5.15
N GLN B 38 -25.28 24.38 -4.64
CA GLN B 38 -26.13 24.26 -3.47
C GLN B 38 -27.33 25.18 -3.63
N ASP B 39 -28.53 24.62 -3.50
CA ASP B 39 -29.76 25.38 -3.70
C ASP B 39 -30.30 25.87 -2.35
N LEU B 40 -31.62 26.00 -2.24
CA LEU B 40 -32.21 26.52 -1.00
C LEU B 40 -31.83 25.66 0.20
N GLY B 41 -31.94 24.35 0.08
CA GLY B 41 -31.71 23.46 1.21
C GLY B 41 -30.86 22.25 0.93
N LYS B 42 -30.74 21.88 -0.35
CA LYS B 42 -30.02 20.66 -0.70
C LYS B 42 -28.56 20.75 -0.28
N GLU B 43 -28.04 19.64 0.24
CA GLU B 43 -26.62 19.55 0.54
C GLU B 43 -25.82 19.66 -0.76
N ARG B 44 -24.55 20.02 -0.63
CA ARG B 44 -23.71 20.30 -1.79
C ARG B 44 -23.80 19.18 -2.82
N GLU B 45 -24.21 19.54 -4.03
CA GLU B 45 -24.46 18.60 -5.12
C GLU B 45 -23.34 18.69 -6.15
N PHE B 46 -23.03 17.55 -6.75
CA PHE B 46 -21.94 17.44 -7.72
C PHE B 46 -22.46 17.76 -9.12
N VAL B 47 -21.61 18.40 -9.93
CA VAL B 47 -21.99 18.76 -11.29
C VAL B 47 -20.92 18.34 -12.29
N ALA B 48 -19.65 18.54 -11.95
CA ALA B 48 -18.59 18.30 -12.92
C ALA B 48 -17.25 18.15 -12.22
N ALA B 49 -16.29 17.59 -12.97
CA ALA B 49 -14.93 17.40 -12.51
C ALA B 49 -14.08 16.95 -13.69
N ILE B 50 -12.82 17.37 -13.70
CA ILE B 50 -11.92 17.12 -14.83
C ILE B 50 -10.49 17.04 -14.31
N ARG B 51 -9.70 16.18 -14.94
CA ARG B 51 -8.28 16.05 -14.62
C ARG B 51 -7.44 16.34 -15.85
N TRP B 52 -6.13 16.44 -15.63
CA TRP B 52 -5.16 16.72 -16.68
C TRP B 52 -4.85 15.47 -17.49
N THR B 53 -4.09 15.67 -18.57
CA THR B 53 -3.51 14.61 -19.38
C THR B 53 -4.55 13.85 -20.21
N GLY B 54 -5.84 14.04 -19.94
CA GLY B 54 -6.87 13.40 -20.71
C GLY B 54 -8.16 14.16 -20.59
N GLY B 55 -8.98 14.17 -21.62
CA GLY B 55 -10.16 14.97 -21.46
C GLY B 55 -11.03 14.38 -20.40
N ARG B 56 -10.50 13.47 -19.61
CA ARG B 56 -11.35 12.76 -18.74
C ARG B 56 -12.20 13.67 -17.94
N ALA B 57 -13.51 13.61 -18.09
CA ALA B 57 -14.34 14.49 -17.34
C ALA B 57 -15.49 13.71 -16.84
N TYR B 58 -16.01 14.14 -15.72
CA TYR B 58 -17.16 13.48 -15.10
C TYR B 58 -18.26 14.51 -14.90
N TYR B 59 -19.51 14.05 -14.98
CA TYR B 59 -20.66 14.94 -14.86
C TYR B 59 -21.76 14.24 -14.07
N GLY B 60 -22.63 15.05 -13.47
CA GLY B 60 -23.72 14.53 -12.68
C GLY B 60 -24.92 14.14 -13.53
N ASP B 61 -25.95 13.63 -12.85
CA ASP B 61 -27.14 13.15 -13.54
C ASP B 61 -27.99 14.30 -14.04
N SER B 62 -28.42 15.19 -13.14
CA SER B 62 -29.25 16.31 -13.53
C SER B 62 -28.55 17.24 -14.53
N VAL B 63 -27.23 17.12 -14.65
CA VAL B 63 -26.44 18.00 -15.49
C VAL B 63 -25.96 17.32 -16.76
N LYS B 64 -25.99 15.99 -16.82
CA LYS B 64 -25.41 15.25 -17.95
C LYS B 64 -25.92 15.78 -19.28
N GLY B 65 -25.01 15.85 -20.25
CA GLY B 65 -25.39 16.14 -21.62
C GLY B 65 -25.69 17.58 -21.93
N ARG B 66 -25.30 18.51 -21.07
CA ARG B 66 -25.59 19.93 -21.29
C ARG B 66 -24.41 20.80 -20.86
N PHE B 67 -23.75 20.41 -19.78
CA PHE B 67 -22.59 21.14 -19.28
C PHE B 67 -21.31 20.53 -19.84
N THR B 68 -20.39 21.39 -20.26
CA THR B 68 -19.08 20.97 -20.76
C THR B 68 -18.00 21.63 -19.92
N ILE B 69 -17.01 20.85 -19.52
CA ILE B 69 -15.92 21.32 -18.67
C ILE B 69 -14.60 21.10 -19.41
N SER B 70 -13.71 22.08 -19.29
CA SER B 70 -12.39 21.99 -19.90
C SER B 70 -11.37 22.62 -18.95
N ARG B 71 -10.09 22.40 -19.25
CA ARG B 71 -9.01 22.87 -18.40
C ARG B 71 -7.87 23.37 -19.27
N ASP B 72 -6.99 24.18 -18.67
CA ASP B 72 -5.85 24.77 -19.36
C ASP B 72 -4.65 24.72 -18.41
N ASN B 73 -3.66 23.90 -18.74
CA ASN B 73 -2.44 23.85 -17.96
C ASN B 73 -1.65 25.16 -18.14
N ALA B 74 -0.62 25.32 -17.33
CA ALA B 74 0.16 26.56 -17.32
C ALA B 74 -0.75 27.73 -16.95
N LYS B 75 -1.73 28.02 -17.81
CA LYS B 75 -2.76 28.99 -17.47
C LYS B 75 -3.42 28.63 -16.13
N ASN B 76 -3.41 27.35 -15.77
CA ASN B 76 -3.94 26.90 -14.49
C ASN B 76 -5.36 27.42 -14.28
N THR B 77 -6.18 27.23 -15.32
CA THR B 77 -7.55 27.74 -15.33
C THR B 77 -8.46 26.68 -15.93
N VAL B 78 -9.67 26.57 -15.37
CA VAL B 78 -10.65 25.60 -15.82
C VAL B 78 -12.00 26.30 -15.92
N TYR B 79 -12.78 25.94 -16.93
CA TYR B 79 -14.05 26.59 -17.23
C TYR B 79 -15.18 25.58 -17.18
N LEU B 80 -16.39 26.10 -16.96
CA LEU B 80 -17.60 25.29 -16.91
C LEU B 80 -18.62 25.90 -17.85
N GLN B 81 -18.88 25.22 -18.97
CA GLN B 81 -19.87 25.66 -19.94
C GLN B 81 -21.25 25.14 -19.54
N MET B 82 -22.22 26.04 -19.48
CA MET B 82 -23.61 25.68 -19.20
C MET B 82 -24.45 26.01 -20.42
N ASN B 83 -25.30 25.06 -20.82
CA ASN B 83 -26.23 25.26 -21.92
C ASN B 83 -27.58 24.67 -21.55
N SER B 84 -28.64 25.26 -22.08
CA SER B 84 -30.01 24.78 -21.85
C SER B 84 -30.37 24.86 -20.36
N LEU B 85 -30.14 26.03 -19.77
CA LEU B 85 -30.45 26.22 -18.36
C LEU B 85 -31.95 26.23 -18.11
N LYS B 86 -32.37 25.55 -17.05
CA LYS B 86 -33.76 25.57 -16.61
C LYS B 86 -33.83 26.07 -15.17
N PRO B 87 -35.01 26.41 -14.65
CA PRO B 87 -35.05 27.11 -13.35
C PRO B 87 -34.49 26.31 -12.19
N GLU B 88 -34.57 24.98 -12.22
CA GLU B 88 -33.98 24.19 -11.13
C GLU B 88 -32.46 24.25 -11.10
N ASP B 89 -31.82 24.96 -12.04
CA ASP B 89 -30.39 25.19 -11.99
C ASP B 89 -30.02 26.34 -11.05
N THR B 90 -31.00 27.05 -10.49
CA THR B 90 -30.73 28.06 -9.48
C THR B 90 -29.91 27.46 -8.34
N ALA B 91 -28.79 28.13 -8.01
CA ALA B 91 -27.96 27.73 -6.88
C ALA B 91 -26.70 28.57 -6.82
N VAL B 92 -25.87 28.32 -5.81
CA VAL B 92 -24.55 28.94 -5.69
C VAL B 92 -23.54 27.87 -6.08
N TYR B 93 -22.84 28.09 -7.19
CA TYR B 93 -21.91 27.12 -7.74
C TYR B 93 -20.52 27.36 -7.19
N TYR B 94 -19.93 26.31 -6.61
CA TYR B 94 -18.62 26.39 -6.00
C TYR B 94 -17.57 25.75 -6.88
N CYS B 95 -16.35 26.26 -6.79
CA CYS B 95 -15.17 25.63 -7.38
C CYS B 95 -14.45 24.83 -6.32
N ALA B 96 -13.61 23.89 -6.75
CA ALA B 96 -12.97 22.98 -5.80
C ALA B 96 -11.67 22.46 -6.36
N ARG B 97 -10.96 21.71 -5.52
CA ARG B 97 -9.70 21.06 -5.87
C ARG B 97 -9.59 19.82 -4.99
N GLN B 98 -9.24 18.68 -5.59
CA GLN B 98 -9.36 17.42 -4.91
C GLN B 98 -8.28 17.26 -3.84
N GLY B 99 -8.59 16.42 -2.85
CA GLY B 99 -7.66 16.11 -1.78
C GLY B 99 -7.11 14.72 -1.89
N THR B 100 -5.96 14.48 -1.26
CA THR B 100 -5.31 13.17 -1.34
C THR B 100 -5.98 12.15 -0.43
N ASN B 101 -6.58 12.59 0.66
CA ASN B 101 -7.47 11.73 1.44
C ASN B 101 -8.84 11.73 0.80
N GLY B 102 -9.77 11.00 1.41
CA GLY B 102 -11.15 10.97 0.92
C GLY B 102 -11.36 9.95 -0.17
N GLY B 103 -12.62 9.86 -0.61
CA GLY B 103 -13.01 8.80 -1.51
C GLY B 103 -13.84 9.23 -2.71
N GLY B 104 -13.18 9.71 -3.75
CA GLY B 104 -13.80 9.85 -5.06
C GLY B 104 -14.09 11.31 -5.39
N TYR B 105 -14.45 11.51 -6.67
CA TYR B 105 -14.68 12.84 -7.22
C TYR B 105 -16.11 13.32 -7.06
N SER B 106 -17.05 12.43 -6.80
CA SER B 106 -18.47 12.78 -6.74
C SER B 106 -18.91 13.33 -5.40
N GLU B 107 -18.03 13.36 -4.39
CA GLU B 107 -18.40 13.71 -3.04
C GLU B 107 -17.74 15.03 -2.65
N ALA B 108 -18.53 15.93 -2.05
CA ALA B 108 -18.01 17.20 -1.58
C ALA B 108 -16.88 17.00 -0.59
N THR B 109 -17.02 16.03 0.32
CA THR B 109 -16.06 15.84 1.39
C THR B 109 -14.65 15.52 0.87
N SER B 110 -14.53 15.04 -0.36
CA SER B 110 -13.25 14.61 -0.90
C SER B 110 -12.44 15.76 -1.51
N TYR B 111 -12.93 16.99 -1.43
CA TYR B 111 -12.25 18.15 -1.99
C TYR B 111 -11.81 19.05 -0.84
N ASN B 112 -10.49 19.27 -0.74
CA ASN B 112 -9.93 20.00 0.39
C ASN B 112 -10.13 21.51 0.25
N TYR B 113 -9.90 22.05 -0.95
CA TYR B 113 -10.05 23.48 -1.20
C TYR B 113 -11.41 23.74 -1.83
N TRP B 114 -12.21 24.57 -1.19
CA TRP B 114 -13.46 25.06 -1.73
C TRP B 114 -13.31 26.51 -2.17
N GLY B 115 -14.14 26.91 -3.13
CA GLY B 115 -14.22 28.30 -3.52
C GLY B 115 -15.28 29.04 -2.71
N GLN B 116 -15.37 30.35 -2.97
CA GLN B 116 -16.32 31.18 -2.22
C GLN B 116 -17.75 30.93 -2.66
N GLY B 117 -17.98 30.67 -3.95
CA GLY B 117 -19.32 30.49 -4.47
C GLY B 117 -19.68 31.54 -5.49
N THR B 118 -20.49 31.18 -6.49
CA THR B 118 -20.90 32.10 -7.54
C THR B 118 -22.34 31.75 -7.91
N GLN B 119 -23.28 32.58 -7.47
CA GLN B 119 -24.69 32.26 -7.63
C GLN B 119 -25.15 32.52 -9.06
N VAL B 120 -25.85 31.55 -9.64
CA VAL B 120 -26.53 31.70 -10.92
C VAL B 120 -28.03 31.57 -10.65
N THR B 121 -28.81 32.46 -11.25
CA THR B 121 -30.26 32.43 -11.13
C THR B 121 -30.88 32.30 -12.52
N VAL B 122 -31.96 31.52 -12.59
CA VAL B 122 -32.62 31.20 -13.85
C VAL B 122 -34.12 31.24 -13.63
N SER B 123 -34.82 32.05 -14.42
CA SER B 123 -36.25 32.22 -14.30
C SER B 123 -36.92 31.90 -15.63
N SER B 124 -38.23 31.63 -15.55
CA SER B 124 -38.99 31.33 -16.76
C SER B 124 -39.42 32.60 -17.48
N HIS B 125 -39.79 33.63 -16.73
CA HIS B 125 -40.21 34.89 -17.34
C HIS B 125 -40.29 35.99 -16.28
C6 9PG C . 0.40 -11.62 1.62
C5 9PG C . 0.97 -10.24 1.32
C4 9PG C . 0.63 -9.77 -0.10
C3 9PG C . 1.38 -8.51 -0.45
C2 9PG C . 2.86 -8.79 -0.28
C1 9PG C . 3.15 -9.15 1.16
O8 9PG C . 4.81 -5.40 7.30
N 9PG C . 5.34 -6.27 6.62
O7 9PG C . 6.41 -6.74 6.95
C9 9PG C . 4.73 -6.72 5.45
C14 9PG C . 5.38 -7.62 4.63
C13 9PG C . 4.78 -8.06 3.46
C12 9PG C . 3.50 -7.62 3.12
C11 9PG C . 2.85 -6.70 3.95
C10 9PG C . 3.46 -6.25 5.10
O1 9PG C . 2.86 -8.01 1.96
O2 9PG C . 3.63 -7.65 -0.66
O3 9PG C . 1.13 -8.13 -1.81
O4 9PG C . 0.96 -10.79 -1.08
O5 9PG C . 2.37 -10.28 1.59
O6 9PG C . 1.20 -12.67 1.04
H61 9PG C . 0.35 -11.76 2.57
H62 9PG C . -0.49 -11.68 1.25
H5 9PG C . 0.56 -9.61 1.94
H4 9PG C . -0.32 -9.59 -0.14
H3 9PG C . 1.12 -7.80 0.15
H2 9PG C . 3.11 -9.55 -0.84
H1 9PG C . 4.10 -9.39 1.24
H8 9PG C . 6.23 -7.92 4.86
H9 9PG C . 5.22 -8.67 2.91
H10 9PG C . 2.01 -6.39 3.71
H11 9PG C . 3.02 -5.65 5.65
HO2 9PG C . 4.28 -7.89 -1.15
HO3 9PG C . 0.47 -7.61 -1.84
HO4 9PG C . 0.30 -10.88 -1.61
HO6 9PG C . 0.72 -13.36 0.92
C1 BNG D . 5.84 -26.44 23.40
C2 BNG D . 6.67 -26.13 24.64
C3 BNG D . 8.13 -25.94 24.30
C4 BNG D . 8.66 -27.04 23.37
C5 BNG D . 7.69 -27.35 22.23
C6 BNG D . 8.13 -28.58 21.43
C1' BNG D . 3.63 -26.92 22.70
C2' BNG D . 2.41 -26.01 22.80
C3' BNG D . 1.13 -26.70 22.41
C4' BNG D . 0.23 -25.80 21.56
C5' BNG D . -1.24 -26.03 21.92
C6' BNG D . -2.15 -25.29 20.95
C7' BNG D . -3.60 -25.71 21.18
C8' BNG D . -4.53 -24.54 21.50
C9' BNG D . -5.38 -24.85 22.70
O1 BNG D . 4.49 -26.66 23.79
O2 BNG D . 6.15 -24.93 25.25
O3 BNG D . 8.89 -25.93 25.51
O4 BNG D . 9.91 -26.58 22.83
O5 BNG D . 6.38 -27.59 22.75
O6 BNG D . 7.26 -28.76 20.31
H1 BNG D . 5.89 -25.69 22.80
H2 BNG D . 6.57 -26.86 25.26
H3 BNG D . 8.24 -25.08 23.85
H4 BNG D . 8.81 -27.84 23.89
H5 BNG D . 7.66 -26.60 21.63
H61 BNG D . 8.08 -29.36 22.00
H62 BNG D . 9.04 -28.46 21.12
H1'1 BNG D . 3.34 -27.85 22.72
H1'2 BNG D . 4.10 -26.75 21.87
H2'1 BNG D . 2.56 -25.24 22.22
H2'2 BNG D . 2.34 -25.69 23.72
H3'1 BNG D . 0.64 -26.95 23.22
H3'2 BNG D . 1.32 -27.50 21.91
H4'1 BNG D . 0.45 -24.88 21.74
H4'2 BNG D . 0.37 -26.00 20.63
H5'1 BNG D . -1.40 -25.72 22.81
H5'2 BNG D . -1.43 -26.99 21.87
H6'1 BNG D . -2.05 -24.34 21.08
H6'2 BNG D . -1.90 -25.52 20.03
H7'1 BNG D . -3.63 -26.33 21.92
H7'2 BNG D . -3.93 -26.16 20.39
H8'1 BNG D . -5.10 -24.37 20.72
H8'2 BNG D . -4.00 -23.74 21.68
H9'1 BNG D . -4.81 -24.99 23.47
H9'2 BNG D . -5.90 -25.65 22.53
H9'3 BNG D . -5.99 -24.12 22.87
HO2 BNG D . 6.56 -24.79 25.98
HO3 BNG D . 9.72 -25.90 25.32
HO4 BNG D . 10.34 -27.24 22.52
HO6 BNG D . 7.55 -29.40 19.82
#